data_7FEE
#
_entry.id   7FEE
#
_cell.length_a   43.790
_cell.length_b   74.330
_cell.length_c   184.200
_cell.angle_alpha   90.000
_cell.angle_beta   90.000
_cell.angle_gamma   90.000
#
_symmetry.space_group_name_H-M   'P 2 21 21'
#
loop_
_entity.id
_entity.type
_entity.pdbx_description
1 polymer 'Cannabinoid receptor 1,GlgA glycogen synthase'
2 non-polymer CHOLESTEROL
3 non-polymer 2-[(1R,2R,5R)-5-hydroxy-2-(3-hydroxypropyl)cyclohexyl]-5-(2-methyloctan-2-yl)phenol
4 non-polymer 6-methyl-3-[(1S)-2-nitro-1-thiophen-2-yl-ethyl]-2-phenyl-1H-indole
5 non-polymer DI(HYDROXYETHYL)ETHER
6 non-polymer GLYCEROL
7 non-polymer '(2R)-2,3-dihydroxypropyl (9Z)-octadec-9-enoate'
8 non-polymer 'OLEIC ACID'
9 water water
#
_entity_poly.entity_id   1
_entity_poly.type   'polypeptide(L)'
_entity_poly.pdbx_seq_one_letter_code
;MKTIIALSYIFCLVFADYKDDDDAMDQVNITEFYNKSLSSFENLYFQGKENEENIQCGENFMDIECFMVLNPSQQLAIAV
LSLTLGTFTVLENLLVLCVILHSRSLRCRPSYHFIGSLAVADLLGSVIFVYSFIDFHVFHRKDSRNVFLFKLGGVTASFT
AKVGSLFLAAIDRYISIHRPLAYKRIVTRPKAVVAFCLMWTIAIVIAVLPLLGWNCEKLQSVCSDIFPHIDKTYLMFWIG
VVSVLLLFIVYAYMYILWKAHSHAGIDCSFWNESYLTGSRDERKKSLLSKFGMDEGVTFMFIGRFDRGQKGVDVLLKAIE
ILSSKKEFQEMRFIIIGKGDPELEGWARSLEEKHGNVKVITEMLSREFVRELYGSVDFVIIPSYFEPFGLVALEAMCLGA
IPIASAVGGLRDIITNETGILVKAGDPGELANAILKALELSRSDLSKFRENCKKRAMSFSDQARMDIELAKTLVLILVVL
IICWGPLLAIMVYDVFGKMNKLIKTVFAFCSMLCLLNSTVDPIIYALRSKDLRHAFRSMFPSENLYFQGHHHHHHHHHH
;
_entity_poly.pdbx_strand_id   A
#
# COMPACT_ATOMS: atom_id res chain seq x y z
N GLN A 56 17.61 -37.44 -34.05
CA GLN A 56 19.07 -37.63 -33.83
C GLN A 56 19.40 -37.18 -32.40
N CYS A 57 18.38 -36.77 -31.65
CA CYS A 57 18.62 -36.23 -30.28
C CYS A 57 17.73 -36.91 -29.23
N GLY A 58 17.89 -38.21 -29.01
CA GLY A 58 17.19 -38.91 -27.96
C GLY A 58 18.12 -39.21 -26.79
N GLU A 59 19.42 -38.97 -26.99
CA GLU A 59 20.40 -39.23 -25.96
C GLU A 59 20.23 -38.29 -24.78
N ASN A 60 20.64 -38.76 -23.61
CA ASN A 60 20.68 -37.90 -22.43
C ASN A 60 21.66 -36.75 -22.65
N PHE A 61 22.85 -37.06 -23.17
CA PHE A 61 23.83 -36.05 -23.52
C PHE A 61 23.65 -35.71 -25.01
N MET A 62 22.59 -34.95 -25.27
CA MET A 62 22.24 -34.57 -26.63
C MET A 62 23.11 -33.42 -27.11
N ASP A 63 23.27 -33.33 -28.43
CA ASP A 63 24.00 -32.22 -29.01
C ASP A 63 23.25 -30.91 -28.77
N ILE A 64 24.01 -29.83 -28.62
CA ILE A 64 23.40 -28.53 -28.35
C ILE A 64 22.63 -27.99 -29.54
N GLU A 65 22.80 -28.58 -30.72
CA GLU A 65 22.05 -28.12 -31.90
C GLU A 65 20.57 -28.37 -31.74
N CYS A 66 20.18 -29.36 -30.94
CA CYS A 66 18.79 -29.74 -30.80
C CYS A 66 18.01 -28.84 -29.85
N PHE A 67 18.70 -27.93 -29.15
CA PHE A 67 18.01 -26.85 -28.45
C PHE A 67 17.76 -25.67 -29.37
N MET A 68 18.46 -25.59 -30.50
CA MET A 68 18.27 -24.54 -31.50
C MET A 68 17.07 -24.93 -32.36
N VAL A 69 15.88 -24.61 -31.84
CA VAL A 69 14.65 -25.22 -32.29
C VAL A 69 13.86 -24.32 -33.24
N LEU A 70 14.44 -23.19 -33.66
CA LEU A 70 13.72 -22.16 -34.41
C LEU A 70 14.23 -22.10 -35.85
N ASN A 71 13.28 -21.89 -36.80
CA ASN A 71 13.53 -21.77 -38.23
C ASN A 71 13.81 -20.32 -38.60
N PRO A 72 14.51 -20.06 -39.72
CA PRO A 72 15.04 -18.70 -39.95
C PRO A 72 14.00 -17.59 -39.91
N SER A 73 12.80 -17.83 -40.44
CA SER A 73 11.73 -16.84 -40.33
C SER A 73 11.31 -16.65 -38.89
N GLN A 74 11.32 -17.74 -38.11
CA GLN A 74 11.03 -17.62 -36.68
C GLN A 74 12.13 -16.86 -35.95
N GLN A 75 13.39 -17.07 -36.33
CA GLN A 75 14.50 -16.38 -35.69
C GLN A 75 14.43 -14.88 -35.93
N LEU A 76 14.15 -14.49 -37.18
CA LEU A 76 14.06 -13.06 -37.48
C LEU A 76 12.95 -12.39 -36.65
N ALA A 77 11.82 -13.08 -36.47
CA ALA A 77 10.73 -12.51 -35.69
C ALA A 77 11.12 -12.40 -34.21
N ILE A 78 11.68 -13.48 -33.66
CA ILE A 78 12.10 -13.45 -32.26
C ILE A 78 13.23 -12.45 -32.06
N ALA A 79 14.16 -12.38 -33.01
CA ALA A 79 15.26 -11.42 -32.91
C ALA A 79 14.72 -10.00 -32.81
N VAL A 80 14.01 -9.54 -33.85
CA VAL A 80 13.53 -8.17 -33.89
C VAL A 80 12.69 -7.84 -32.66
N LEU A 81 11.87 -8.79 -32.21
CA LEU A 81 11.07 -8.57 -31.01
C LEU A 81 11.96 -8.47 -29.77
N SER A 82 13.01 -9.29 -29.71
CA SER A 82 13.92 -9.23 -28.58
C SER A 82 14.67 -7.89 -28.55
N LEU A 83 15.11 -7.41 -29.71
CA LEU A 83 15.90 -6.18 -29.75
C LEU A 83 15.06 -4.97 -29.40
N THR A 84 13.87 -4.83 -30.01
CA THR A 84 13.06 -3.65 -29.74
C THR A 84 12.53 -3.67 -28.31
N LEU A 85 12.03 -4.82 -27.87
CA LEU A 85 11.55 -4.92 -26.49
C LEU A 85 12.70 -4.69 -25.51
N GLY A 86 13.85 -5.33 -25.76
CA GLY A 86 14.98 -5.14 -24.88
C GLY A 86 15.48 -3.71 -24.85
N THR A 87 15.54 -3.06 -26.01
CA THR A 87 15.91 -1.65 -26.06
C THR A 87 14.98 -0.81 -25.20
N PHE A 88 13.69 -1.16 -25.17
CA PHE A 88 12.73 -0.43 -24.34
C PHE A 88 13.04 -0.59 -22.86
N THR A 89 13.39 -1.81 -22.44
CA THR A 89 13.69 -2.09 -21.01
C THR A 89 14.94 -1.31 -20.61
N VAL A 90 15.98 -1.36 -21.44
CA VAL A 90 17.23 -0.68 -21.14
C VAL A 90 16.96 0.80 -20.89
N LEU A 91 16.37 1.47 -21.88
CA LEU A 91 16.14 2.92 -21.78
C LEU A 91 15.31 3.28 -20.55
N GLU A 92 14.24 2.51 -20.28
CA GLU A 92 13.37 2.86 -19.16
C GLU A 92 14.05 2.63 -17.82
N ASN A 93 14.77 1.52 -17.67
CA ASN A 93 15.30 1.16 -16.36
C ASN A 93 16.51 2.01 -15.98
N LEU A 94 17.35 2.37 -16.95
CA LEU A 94 18.42 3.31 -16.64
C LEU A 94 17.86 4.68 -16.30
N LEU A 95 16.74 5.05 -16.90
CA LEU A 95 16.06 6.29 -16.53
C LEU A 95 15.55 6.22 -15.11
N VAL A 96 14.97 5.08 -14.71
CA VAL A 96 14.52 4.90 -13.33
C VAL A 96 15.70 5.03 -12.38
N LEU A 97 16.81 4.37 -12.70
CA LEU A 97 17.97 4.40 -11.82
C LEU A 97 18.58 5.80 -11.75
N CYS A 98 18.66 6.49 -12.89
CA CYS A 98 19.25 7.83 -12.90
C CYS A 98 18.45 8.80 -12.03
N VAL A 99 17.12 8.72 -12.09
CA VAL A 99 16.28 9.57 -11.24
C VAL A 99 16.54 9.28 -9.78
N ILE A 100 16.64 8.00 -9.43
CA ILE A 100 16.86 7.62 -8.02
C ILE A 100 18.29 7.95 -7.60
N LEU A 101 19.27 7.56 -8.43
CA LEU A 101 20.66 7.67 -8.02
C LEU A 101 21.10 9.13 -7.86
N HIS A 102 20.61 10.02 -8.73
CA HIS A 102 21.05 11.41 -8.71
C HIS A 102 20.12 12.31 -7.89
N SER A 103 19.49 11.78 -6.84
CA SER A 103 18.67 12.60 -5.96
C SER A 103 18.87 12.12 -4.54
N ARG A 104 19.35 13.02 -3.68
CA ARG A 104 19.61 12.69 -2.28
C ARG A 104 18.33 12.30 -1.55
N SER A 105 17.23 13.01 -1.82
CA SER A 105 15.97 12.74 -1.13
C SER A 105 15.37 11.41 -1.54
N LEU A 106 15.78 10.84 -2.67
CA LEU A 106 15.24 9.57 -3.15
C LEU A 106 16.09 8.39 -2.67
N ARG A 107 17.39 8.43 -2.94
CA ARG A 107 18.29 7.32 -2.62
C ARG A 107 18.44 7.09 -1.12
N CYS A 108 17.92 7.99 -0.29
CA CYS A 108 18.08 7.85 1.19
C CYS A 108 16.95 6.98 1.76
N ARG A 109 15.87 6.79 1.00
CA ARG A 109 14.73 6.02 1.46
C ARG A 109 14.88 4.56 1.06
N PRO A 110 14.75 3.62 2.00
CA PRO A 110 14.77 2.19 1.63
C PRO A 110 13.63 1.79 0.70
N SER A 111 12.62 2.64 0.51
CA SER A 111 11.59 2.36 -0.48
C SER A 111 12.16 2.35 -1.89
N TYR A 112 13.17 3.19 -2.16
CA TYR A 112 13.75 3.29 -3.48
C TYR A 112 15.03 2.49 -3.64
N HIS A 113 15.62 2.03 -2.54
CA HIS A 113 16.53 0.90 -2.62
C HIS A 113 15.81 -0.33 -3.16
N PHE A 114 14.52 -0.46 -2.83
CA PHE A 114 13.71 -1.57 -3.33
C PHE A 114 13.32 -1.36 -4.79
N ILE A 115 12.93 -0.13 -5.15
CA ILE A 115 12.67 0.19 -6.55
C ILE A 115 13.94 0.09 -7.36
N GLY A 116 15.04 0.64 -6.83
CA GLY A 116 16.32 0.52 -7.52
C GLY A 116 16.74 -0.92 -7.70
N SER A 117 16.48 -1.77 -6.68
CA SER A 117 16.81 -3.18 -6.78
C SER A 117 16.08 -3.83 -7.96
N LEU A 118 14.76 -3.65 -8.02
CA LEU A 118 13.99 -4.21 -9.12
C LEU A 118 14.48 -3.69 -10.47
N ALA A 119 14.86 -2.42 -10.52
CA ALA A 119 15.36 -1.83 -11.77
C ALA A 119 16.61 -2.56 -12.25
N VAL A 120 17.56 -2.80 -11.35
CA VAL A 120 18.79 -3.48 -11.72
C VAL A 120 18.51 -4.95 -12.03
N ALA A 121 17.64 -5.59 -11.25
CA ALA A 121 17.28 -6.97 -11.52
C ALA A 121 16.66 -7.12 -12.90
N ASP A 122 15.79 -6.18 -13.28
CA ASP A 122 15.25 -6.17 -14.64
C ASP A 122 16.34 -5.88 -15.66
N LEU A 123 17.15 -4.85 -15.41
CA LEU A 123 18.12 -4.39 -16.39
C LEU A 123 19.21 -5.43 -16.63
N LEU A 124 19.79 -5.96 -15.56
CA LEU A 124 20.90 -6.89 -15.70
C LEU A 124 20.45 -8.22 -16.30
N GLY A 125 19.27 -8.71 -15.91
CA GLY A 125 18.82 -10.00 -16.42
C GLY A 125 18.42 -9.95 -17.88
N SER A 126 17.66 -8.92 -18.26
CA SER A 126 17.17 -8.84 -19.63
C SER A 126 18.30 -8.64 -20.63
N VAL A 127 19.28 -7.80 -20.29
CA VAL A 127 20.38 -7.52 -21.21
C VAL A 127 21.20 -8.78 -21.45
N ILE A 128 21.56 -9.49 -20.38
CA ILE A 128 22.31 -10.73 -20.52
C ILE A 128 21.49 -11.76 -21.29
N PHE A 129 20.18 -11.79 -21.03
CA PHE A 129 19.32 -12.75 -21.71
C PHE A 129 19.30 -12.49 -23.22
N VAL A 130 18.93 -11.27 -23.63
CA VAL A 130 18.72 -10.99 -25.04
C VAL A 130 20.00 -11.24 -25.84
N TYR A 131 21.15 -10.89 -25.27
CA TYR A 131 22.41 -11.13 -25.97
C TYR A 131 22.65 -12.62 -26.16
N SER A 132 22.51 -13.39 -25.08
CA SER A 132 22.81 -14.82 -25.16
C SER A 132 21.68 -15.59 -25.84
N PHE A 133 20.44 -15.15 -25.66
CA PHE A 133 19.30 -15.90 -26.20
C PHE A 133 19.34 -15.95 -27.72
N ILE A 134 19.51 -14.79 -28.36
CA ILE A 134 19.50 -14.77 -29.82
C ILE A 134 20.85 -15.19 -30.39
N ASP A 135 21.95 -14.96 -29.68
CA ASP A 135 23.24 -15.50 -30.11
C ASP A 135 23.19 -17.02 -30.17
N PHE A 136 22.49 -17.64 -29.22
CA PHE A 136 22.30 -19.08 -29.25
C PHE A 136 21.36 -19.49 -30.38
N HIS A 137 20.24 -18.76 -30.53
CA HIS A 137 19.18 -19.22 -31.43
C HIS A 137 19.40 -18.76 -32.87
N VAL A 138 19.84 -17.52 -33.06
CA VAL A 138 19.96 -16.98 -34.45
C VAL A 138 21.39 -17.08 -34.96
N PHE A 139 22.39 -16.89 -34.09
CA PHE A 139 23.77 -17.03 -34.52
C PHE A 139 24.35 -18.41 -34.22
N HIS A 140 23.60 -19.24 -33.49
CA HIS A 140 23.97 -20.64 -33.24
C HIS A 140 25.32 -20.73 -32.54
N ARG A 141 25.43 -20.06 -31.41
CA ARG A 141 26.69 -20.03 -30.67
C ARG A 141 26.98 -21.39 -30.05
N LYS A 142 28.26 -21.78 -30.10
CA LYS A 142 28.70 -23.09 -29.65
C LYS A 142 29.60 -22.98 -28.43
N ASP A 143 29.16 -22.28 -27.40
CA ASP A 143 29.99 -22.05 -26.23
C ASP A 143 30.15 -23.33 -25.42
N SER A 144 31.27 -23.42 -24.69
CA SER A 144 31.55 -24.60 -23.89
C SER A 144 30.55 -24.70 -22.74
N ARG A 145 30.69 -25.77 -21.94
CA ARG A 145 29.74 -26.01 -20.86
C ARG A 145 29.86 -24.94 -19.78
N ASN A 146 31.08 -24.48 -19.50
CA ASN A 146 31.27 -23.49 -18.43
C ASN A 146 30.74 -22.12 -18.85
N VAL A 147 31.17 -21.61 -20.00
CA VAL A 147 30.80 -20.26 -20.40
C VAL A 147 29.30 -20.17 -20.67
N PHE A 148 28.70 -21.22 -21.22
CA PHE A 148 27.25 -21.23 -21.38
C PHE A 148 26.57 -21.19 -20.02
N LEU A 149 26.98 -22.07 -19.10
CA LEU A 149 26.41 -22.08 -17.77
C LEU A 149 26.69 -20.77 -17.04
N PHE A 150 27.78 -20.08 -17.41
CA PHE A 150 28.07 -18.78 -16.81
C PHE A 150 27.08 -17.72 -17.29
N LYS A 151 26.77 -17.71 -18.59
CA LYS A 151 25.83 -16.74 -19.12
C LYS A 151 24.41 -17.01 -18.60
N LEU A 152 23.99 -18.27 -18.62
CA LEU A 152 22.69 -18.62 -18.06
C LEU A 152 22.63 -18.28 -16.58
N GLY A 153 23.75 -18.42 -15.86
CA GLY A 153 23.76 -18.08 -14.45
C GLY A 153 23.42 -16.63 -14.19
N GLY A 154 23.94 -15.73 -15.03
CA GLY A 154 23.60 -14.32 -14.88
C GLY A 154 22.13 -14.04 -15.06
N VAL A 155 21.45 -14.85 -15.87
CA VAL A 155 20.00 -14.70 -16.05
C VAL A 155 19.26 -15.28 -14.85
N THR A 156 19.77 -16.35 -14.24
CA THR A 156 19.09 -16.93 -13.09
C THR A 156 19.29 -16.07 -11.83
N ALA A 157 20.52 -15.60 -11.59
CA ALA A 157 20.77 -14.73 -10.44
C ALA A 157 19.89 -13.50 -10.48
N SER A 158 19.69 -12.92 -11.66
CA SER A 158 18.92 -11.69 -11.77
C SER A 158 17.47 -11.92 -11.39
N PHE A 159 16.89 -13.06 -11.79
CA PHE A 159 15.48 -13.30 -11.50
C PHE A 159 15.26 -13.56 -10.01
N THR A 160 16.01 -14.48 -9.42
CA THR A 160 15.86 -14.75 -7.99
C THR A 160 16.11 -13.51 -7.14
N ALA A 161 16.96 -12.60 -7.63
CA ALA A 161 17.15 -11.33 -6.93
C ALA A 161 15.84 -10.55 -6.87
N LYS A 162 15.02 -10.64 -7.93
CA LYS A 162 13.73 -9.97 -7.92
C LYS A 162 12.75 -10.65 -6.96
N VAL A 163 12.75 -11.99 -6.94
CA VAL A 163 11.90 -12.70 -5.99
C VAL A 163 12.32 -12.38 -4.56
N GLY A 164 13.63 -12.21 -4.34
CA GLY A 164 14.10 -11.80 -3.03
C GLY A 164 13.86 -10.34 -2.73
N SER A 165 13.95 -9.48 -3.75
CA SER A 165 13.60 -8.07 -3.56
C SER A 165 12.13 -7.91 -3.22
N LEU A 166 11.27 -8.68 -3.90
CA LEU A 166 9.87 -8.76 -3.49
C LEU A 166 9.76 -9.31 -2.07
N PHE A 167 10.65 -10.25 -1.71
CA PHE A 167 10.57 -10.89 -0.40
C PHE A 167 10.95 -9.92 0.71
N LEU A 168 12.01 -9.12 0.51
CA LEU A 168 12.40 -8.15 1.52
C LEU A 168 11.31 -7.12 1.76
N ALA A 169 10.64 -6.69 0.68
CA ALA A 169 9.54 -5.73 0.84
C ALA A 169 8.39 -6.33 1.64
N ALA A 170 8.13 -7.63 1.46
CA ALA A 170 7.05 -8.27 2.20
C ALA A 170 7.37 -8.31 3.69
N ILE A 171 8.64 -8.58 4.04
CA ILE A 171 9.05 -8.54 5.44
C ILE A 171 8.97 -7.12 5.98
N ASP A 172 9.44 -6.14 5.20
CA ASP A 172 9.43 -4.76 5.63
C ASP A 172 8.03 -4.29 5.99
N ARG A 173 7.03 -4.68 5.19
CA ARG A 173 5.65 -4.28 5.48
C ARG A 173 5.07 -5.10 6.63
N TYR A 174 5.46 -6.37 6.73
CA TYR A 174 4.98 -7.22 7.81
C TYR A 174 5.26 -6.58 9.17
N ILE A 175 6.52 -6.17 9.39
CA ILE A 175 6.87 -5.60 10.68
C ILE A 175 6.31 -4.19 10.88
N SER A 176 5.96 -3.50 9.79
CA SER A 176 5.26 -2.23 9.93
C SER A 176 3.86 -2.44 10.50
N ILE A 177 3.21 -3.53 10.11
CA ILE A 177 1.86 -3.81 10.59
C ILE A 177 1.90 -4.37 12.01
N HIS A 178 2.86 -5.26 12.30
CA HIS A 178 2.88 -5.96 13.58
C HIS A 178 3.52 -5.12 14.68
N ARG A 179 4.47 -4.26 14.34
CA ARG A 179 5.09 -3.33 15.30
C ARG A 179 5.08 -1.93 14.70
N PRO A 180 3.91 -1.28 14.65
CA PRO A 180 3.85 0.05 14.00
C PRO A 180 4.74 1.07 14.65
N LEU A 181 4.86 1.02 15.98
CA LEU A 181 5.53 2.10 16.70
C LEU A 181 7.03 2.06 16.49
N ALA A 182 7.60 0.88 16.40
CA ALA A 182 9.02 0.70 16.08
C ALA A 182 9.10 0.28 14.62
N TYR A 183 9.33 1.25 13.73
CA TYR A 183 9.56 0.97 12.32
C TYR A 183 10.77 1.72 11.78
N LYS A 184 10.92 3.00 12.14
CA LYS A 184 12.11 3.75 11.72
C LYS A 184 13.37 3.22 12.39
N ARG A 185 13.21 2.66 13.59
CA ARG A 185 14.40 2.17 14.35
C ARG A 185 14.78 0.76 13.90
N ILE A 186 13.82 -0.05 13.47
CA ILE A 186 14.13 -1.43 13.09
C ILE A 186 14.49 -1.53 11.62
N VAL A 187 13.80 -0.77 10.76
CA VAL A 187 14.17 -0.72 9.35
C VAL A 187 15.02 0.53 9.12
N THR A 188 16.20 0.58 9.74
CA THR A 188 17.15 1.63 9.43
C THR A 188 17.54 1.55 7.97
N ARG A 189 17.94 2.69 7.40
CA ARG A 189 18.50 2.67 6.05
C ARG A 189 19.71 1.75 5.95
N PRO A 190 20.69 1.79 6.86
CA PRO A 190 21.81 0.84 6.74
C PRO A 190 21.37 -0.62 6.83
N LYS A 191 20.43 -0.94 7.72
CA LYS A 191 19.94 -2.32 7.80
C LYS A 191 19.31 -2.75 6.47
N ALA A 192 18.58 -1.85 5.82
CA ALA A 192 18.00 -2.18 4.53
C ALA A 192 19.08 -2.35 3.46
N VAL A 193 20.14 -1.54 3.52
CA VAL A 193 21.19 -1.63 2.52
C VAL A 193 21.85 -3.00 2.54
N VAL A 194 22.23 -3.47 3.73
CA VAL A 194 22.88 -4.77 3.81
C VAL A 194 21.88 -5.89 3.62
N ALA A 195 20.63 -5.70 4.04
CA ALA A 195 19.60 -6.71 3.80
C ALA A 195 19.43 -6.95 2.30
N PHE A 196 19.52 -5.87 1.51
CA PHE A 196 19.54 -6.01 0.06
C PHE A 196 20.87 -6.58 -0.41
N CYS A 197 21.98 -6.16 0.23
CA CYS A 197 23.31 -6.51 -0.27
C CYS A 197 23.51 -8.02 -0.30
N LEU A 198 23.28 -8.64 0.87
CA LEU A 198 23.49 -10.10 1.02
C LEU A 198 22.44 -10.87 0.24
N MET A 199 21.22 -10.37 0.21
CA MET A 199 20.17 -11.01 -0.59
C MET A 199 20.63 -11.16 -2.02
N TRP A 200 21.27 -10.12 -2.57
CA TRP A 200 21.82 -10.20 -3.91
C TRP A 200 22.94 -11.23 -4.00
N THR A 201 23.75 -11.37 -2.94
CA THR A 201 24.83 -12.36 -2.97
C THR A 201 24.30 -13.78 -2.93
N ILE A 202 23.36 -14.06 -2.02
CA ILE A 202 22.75 -15.39 -1.96
C ILE A 202 22.10 -15.72 -3.30
N ALA A 203 21.55 -14.72 -3.98
CA ALA A 203 20.98 -14.91 -5.30
C ALA A 203 22.02 -15.43 -6.29
N ILE A 204 23.17 -14.74 -6.39
CA ILE A 204 24.17 -15.12 -7.38
C ILE A 204 24.84 -16.43 -7.02
N VAL A 205 24.90 -16.77 -5.73
CA VAL A 205 25.50 -18.04 -5.32
C VAL A 205 24.68 -19.20 -5.87
N ILE A 206 23.36 -19.11 -5.78
CA ILE A 206 22.49 -20.12 -6.37
C ILE A 206 22.75 -20.23 -7.86
N ALA A 207 23.05 -19.10 -8.50
CA ALA A 207 23.27 -19.08 -9.95
C ALA A 207 24.60 -19.70 -10.34
N VAL A 208 25.57 -19.77 -9.43
CA VAL A 208 26.91 -20.24 -9.75
C VAL A 208 27.11 -21.71 -9.44
N LEU A 209 26.08 -22.39 -8.92
CA LEU A 209 26.23 -23.80 -8.57
C LEU A 209 26.47 -24.68 -9.79
N PRO A 210 25.71 -24.57 -10.90
CA PRO A 210 26.02 -25.41 -12.07
C PRO A 210 27.41 -25.17 -12.61
N LEU A 211 27.85 -23.91 -12.66
CA LEU A 211 29.21 -23.57 -13.09
C LEU A 211 30.26 -24.34 -12.30
N LEU A 212 30.04 -24.47 -10.99
CA LEU A 212 31.00 -25.12 -10.11
C LEU A 212 30.85 -26.63 -10.06
N GLY A 213 29.94 -27.21 -10.83
CA GLY A 213 29.89 -28.66 -10.93
C GLY A 213 28.52 -29.30 -10.80
N TRP A 214 27.48 -28.54 -10.47
CA TRP A 214 26.14 -29.10 -10.31
C TRP A 214 25.44 -29.06 -11.67
N ASN A 215 25.77 -30.03 -12.50
CA ASN A 215 25.19 -30.13 -13.84
C ASN A 215 25.36 -31.56 -14.33
N CYS A 216 24.64 -31.88 -15.41
CA CYS A 216 24.57 -33.29 -15.84
C CYS A 216 25.86 -33.79 -16.47
N GLU A 217 26.76 -32.89 -16.90
CA GLU A 217 27.99 -33.34 -17.53
C GLU A 217 29.04 -33.73 -16.47
N LYS A 218 29.35 -32.81 -15.55
CA LYS A 218 30.30 -33.12 -14.48
C LYS A 218 29.82 -34.28 -13.62
N LEU A 219 28.51 -34.46 -13.49
CA LEU A 219 27.92 -35.46 -12.62
C LEU A 219 27.50 -36.74 -13.33
N GLN A 220 27.43 -36.72 -14.66
CA GLN A 220 26.87 -37.83 -15.43
C GLN A 220 25.47 -38.19 -14.92
N SER A 221 24.62 -37.16 -14.80
CA SER A 221 23.23 -37.30 -14.45
C SER A 221 22.37 -37.02 -15.67
N VAL A 222 21.07 -36.76 -15.46
CA VAL A 222 20.14 -36.54 -16.56
C VAL A 222 20.14 -35.06 -16.93
N CYS A 223 20.22 -34.79 -18.24
CA CYS A 223 20.26 -33.42 -18.73
C CYS A 223 18.85 -32.92 -19.02
N SER A 224 18.68 -31.61 -18.87
CA SER A 224 17.41 -30.99 -19.19
C SER A 224 17.25 -30.86 -20.71
N ASP A 225 16.00 -30.96 -21.16
CA ASP A 225 15.68 -30.80 -22.57
C ASP A 225 15.42 -29.34 -22.96
N ILE A 226 15.20 -28.47 -21.98
CA ILE A 226 15.06 -27.04 -22.24
C ILE A 226 16.42 -26.35 -22.19
N PHE A 227 17.17 -26.59 -21.12
CA PHE A 227 18.41 -25.86 -20.85
C PHE A 227 19.60 -26.78 -21.08
N PRO A 228 20.54 -26.42 -21.94
CA PRO A 228 21.73 -27.25 -22.14
C PRO A 228 22.55 -27.36 -20.86
N HIS A 229 23.13 -28.55 -20.67
CA HIS A 229 24.09 -28.86 -19.61
C HIS A 229 23.49 -28.88 -18.21
N ILE A 230 22.28 -28.37 -18.04
CA ILE A 230 21.70 -28.20 -16.71
C ILE A 230 21.17 -29.55 -16.21
N ASP A 231 21.50 -29.88 -14.96
CA ASP A 231 20.98 -31.08 -14.33
C ASP A 231 19.51 -30.89 -13.96
N LYS A 232 18.70 -31.91 -14.23
CA LYS A 232 17.29 -31.84 -13.88
C LYS A 232 17.08 -31.73 -12.38
N THR A 233 17.99 -32.28 -11.57
CA THR A 233 17.83 -32.18 -10.13
C THR A 233 18.12 -30.76 -9.64
N TYR A 234 19.07 -30.06 -10.26
CA TYR A 234 19.27 -28.65 -9.94
C TYR A 234 18.07 -27.84 -10.40
N LEU A 235 17.47 -28.21 -11.53
CA LEU A 235 16.24 -27.57 -11.98
C LEU A 235 15.13 -27.77 -10.94
N MET A 236 14.96 -29.02 -10.47
CA MET A 236 14.02 -29.30 -9.40
C MET A 236 14.21 -28.36 -8.22
N PHE A 237 15.46 -28.25 -7.76
CA PHE A 237 15.76 -27.44 -6.57
C PHE A 237 15.44 -25.97 -6.81
N TRP A 238 15.66 -25.47 -8.03
CA TRP A 238 15.55 -24.04 -8.26
C TRP A 238 14.10 -23.59 -8.29
N ILE A 239 13.24 -24.34 -9.01
CA ILE A 239 11.82 -24.02 -9.03
C ILE A 239 11.27 -23.93 -7.61
N GLY A 240 11.51 -24.97 -6.81
CA GLY A 240 10.96 -25.01 -5.47
C GLY A 240 11.34 -23.81 -4.63
N VAL A 241 12.59 -23.35 -4.73
CA VAL A 241 13.05 -22.27 -3.87
C VAL A 241 12.35 -20.96 -4.22
N VAL A 242 12.18 -20.69 -5.51
CA VAL A 242 11.45 -19.49 -5.89
C VAL A 242 9.94 -19.72 -5.87
N SER A 243 9.50 -20.98 -6.02
CA SER A 243 8.07 -21.25 -5.94
C SER A 243 7.54 -21.04 -4.54
N VAL A 244 8.32 -21.41 -3.52
CA VAL A 244 7.87 -21.24 -2.14
C VAL A 244 7.93 -19.77 -1.74
N LEU A 245 8.96 -19.04 -2.19
CA LEU A 245 9.02 -17.61 -1.93
C LEU A 245 7.86 -16.89 -2.61
N LEU A 246 7.70 -17.11 -3.91
CA LEU A 246 6.63 -16.46 -4.65
C LEU A 246 5.26 -16.83 -4.09
N LEU A 247 5.09 -18.08 -3.63
CA LEU A 247 3.83 -18.48 -3.03
C LEU A 247 3.57 -17.71 -1.75
N PHE A 248 4.56 -17.65 -0.86
CA PHE A 248 4.39 -16.90 0.38
C PHE A 248 4.22 -15.41 0.09
N ILE A 249 4.99 -14.87 -0.85
CA ILE A 249 4.86 -13.46 -1.21
C ILE A 249 3.44 -13.15 -1.65
N VAL A 250 2.83 -14.09 -2.38
CA VAL A 250 1.42 -13.93 -2.79
C VAL A 250 0.53 -13.83 -1.55
N TYR A 251 0.74 -14.71 -0.58
CA TYR A 251 -0.04 -14.64 0.65
C TYR A 251 0.24 -13.33 1.40
N ALA A 252 1.53 -12.97 1.51
CA ALA A 252 1.91 -11.76 2.25
C ALA A 252 1.27 -10.53 1.64
N TYR A 253 1.46 -10.34 0.33
CA TYR A 253 0.98 -9.11 -0.32
C TYR A 253 -0.53 -8.96 -0.22
N MET A 254 -1.27 -10.07 -0.25
CA MET A 254 -2.72 -9.98 -0.04
C MET A 254 -3.03 -9.56 1.39
N TYR A 255 -2.23 -10.04 2.35
CA TYR A 255 -2.45 -9.67 3.75
C TYR A 255 -2.11 -8.21 4.00
N ILE A 256 -1.06 -7.70 3.35
CA ILE A 256 -0.73 -6.28 3.47
C ILE A 256 -1.86 -5.43 2.91
N LEU A 257 -2.42 -5.84 1.78
CA LEU A 257 -3.48 -5.05 1.15
C LEU A 257 -4.76 -5.09 1.97
N TRP A 258 -5.07 -6.23 2.60
CA TRP A 258 -6.24 -6.31 3.46
C TRP A 258 -6.07 -5.45 4.70
N LYS A 259 -4.89 -5.52 5.34
CA LYS A 259 -4.65 -4.76 6.55
C LYS A 259 -4.60 -3.26 6.27
N ALA A 260 -4.10 -2.86 5.10
CA ALA A 260 -4.05 -1.44 4.77
C ALA A 260 -5.46 -0.87 4.60
N HIS A 261 -6.35 -1.62 3.94
CA HIS A 261 -7.72 -1.16 3.73
C HIS A 261 -8.54 -1.15 5.03
N SER A 262 -8.01 -1.73 6.11
CA SER A 262 -8.70 -1.67 7.39
C SER A 262 -8.69 -0.28 8.01
N HIS A 263 -7.88 0.63 7.48
CA HIS A 263 -7.85 2.02 7.88
C HIS A 263 -8.22 2.90 6.69
N ALA A 264 -8.57 4.15 6.97
CA ALA A 264 -9.00 5.05 5.90
C ALA A 264 -8.58 6.48 6.24
N GLY A 265 -8.58 7.33 5.20
CA GLY A 265 -8.28 8.73 5.36
C GLY A 265 -9.22 9.57 4.51
N ILE A 266 -9.09 10.89 4.67
CA ILE A 266 -9.96 11.85 4.00
C ILE A 266 -9.13 12.72 3.08
N ASP A 267 -9.82 13.35 2.13
CA ASP A 267 -9.21 14.37 1.28
C ASP A 267 -9.14 15.67 2.06
N CYS A 268 -7.92 16.10 2.39
CA CYS A 268 -7.75 17.29 3.22
C CYS A 268 -8.04 18.58 2.48
N SER A 269 -8.16 18.52 1.15
CA SER A 269 -8.51 19.73 0.38
C SER A 269 -9.90 20.23 0.81
N PHE A 270 -10.87 19.33 0.89
CA PHE A 270 -12.22 19.73 1.29
C PHE A 270 -12.27 20.06 2.78
N TRP A 271 -11.49 19.36 3.58
CA TRP A 271 -11.47 19.57 5.03
C TRP A 271 -10.20 20.31 5.44
N ASN A 272 -10.02 21.47 4.84
CA ASN A 272 -8.92 22.36 5.16
C ASN A 272 -9.43 23.52 6.00
N GLU A 273 -8.62 23.96 6.96
CA GLU A 273 -9.03 25.04 7.85
C GLU A 273 -8.99 26.39 7.15
N SER A 274 -8.24 26.51 6.06
CA SER A 274 -8.03 27.81 5.40
C SER A 274 -9.35 28.50 5.04
N TYR A 275 -10.44 27.76 4.94
CA TYR A 275 -11.71 28.31 4.46
C TYR A 275 -12.50 29.02 5.55
N LEU A 276 -12.01 29.07 6.79
CA LEU A 276 -12.70 29.81 7.84
C LEU A 276 -12.64 31.30 7.54
N THR A 277 -13.79 31.95 7.56
CA THR A 277 -13.91 33.39 7.29
C THR A 277 -14.38 34.07 8.57
N GLY A 278 -13.45 34.22 9.51
CA GLY A 278 -13.78 34.80 10.81
C GLY A 278 -12.99 34.16 11.94
N SER A 279 -12.97 34.81 13.11
CA SER A 279 -12.23 34.29 14.24
C SER A 279 -12.87 33.01 14.76
N ARG A 280 -12.18 32.34 15.69
CA ARG A 280 -12.70 31.11 16.26
C ARG A 280 -13.96 31.36 17.07
N ASP A 281 -13.95 32.40 17.90
CA ASP A 281 -15.12 32.70 18.73
C ASP A 281 -16.23 33.36 17.93
N GLU A 282 -15.88 34.25 17.00
CA GLU A 282 -16.91 34.99 16.27
C GLU A 282 -17.63 34.11 15.27
N ARG A 283 -16.89 33.29 14.51
CA ARG A 283 -17.54 32.35 13.59
C ARG A 283 -18.47 31.40 14.33
N LYS A 284 -18.20 31.18 15.62
CA LYS A 284 -19.09 30.35 16.44
C LYS A 284 -20.36 31.15 16.70
N LYS A 285 -20.24 32.33 17.30
CA LYS A 285 -21.38 33.15 17.65
C LYS A 285 -22.41 33.25 16.53
N SER A 286 -21.93 33.54 15.31
CA SER A 286 -22.83 33.80 14.20
C SER A 286 -23.64 32.55 13.83
N LEU A 287 -22.98 31.39 13.77
CA LEU A 287 -23.69 30.16 13.45
C LEU A 287 -24.70 29.82 14.54
N LEU A 288 -24.29 29.93 15.80
CA LEU A 288 -25.25 29.83 16.90
C LEU A 288 -26.32 30.90 16.79
N SER A 289 -25.96 32.09 16.31
CA SER A 289 -26.91 33.19 16.22
C SER A 289 -28.04 32.88 15.26
N LYS A 290 -27.82 32.00 14.27
CA LYS A 290 -28.87 31.70 13.32
C LYS A 290 -30.07 31.06 14.00
N PHE A 291 -29.79 30.36 15.10
CA PHE A 291 -30.90 29.75 15.88
C PHE A 291 -30.70 30.07 17.36
N GLY A 292 -29.61 29.57 17.97
CA GLY A 292 -29.45 29.73 19.41
C GLY A 292 -29.40 31.18 19.84
N MET A 293 -28.70 32.02 19.08
CA MET A 293 -28.56 33.45 19.39
C MET A 293 -27.95 33.66 20.77
N ASP A 294 -27.00 32.82 21.13
CA ASP A 294 -26.32 32.92 22.42
C ASP A 294 -24.90 32.40 22.27
N GLU A 295 -24.06 32.73 23.25
CA GLU A 295 -22.67 32.30 23.28
C GLU A 295 -22.53 31.19 24.32
N GLY A 296 -22.21 29.99 23.86
CA GLY A 296 -21.97 28.88 24.76
C GLY A 296 -21.27 27.76 24.02
N VAL A 297 -20.73 26.82 24.80
CA VAL A 297 -20.04 25.67 24.22
C VAL A 297 -21.06 24.84 23.45
N THR A 298 -20.69 24.43 22.24
CA THR A 298 -21.60 23.72 21.35
C THR A 298 -21.06 22.33 21.05
N PHE A 299 -21.93 21.33 21.18
CA PHE A 299 -21.59 19.93 20.91
C PHE A 299 -22.39 19.48 19.70
N MET A 300 -21.70 19.13 18.63
CA MET A 300 -22.33 18.76 17.37
C MET A 300 -22.32 17.24 17.21
N PHE A 301 -23.39 16.72 16.62
CA PHE A 301 -23.49 15.32 16.25
C PHE A 301 -23.84 15.24 14.77
N ILE A 302 -23.13 14.39 14.03
CA ILE A 302 -23.40 14.22 12.62
C ILE A 302 -23.33 12.75 12.26
N GLY A 303 -24.46 12.07 12.34
CA GLY A 303 -24.55 10.66 12.02
C GLY A 303 -25.96 10.31 11.64
N ARG A 304 -26.35 9.07 11.91
CA ARG A 304 -27.67 8.56 11.59
C ARG A 304 -28.36 8.10 12.87
N PHE A 305 -29.67 7.83 12.75
CA PHE A 305 -30.53 7.61 13.91
C PHE A 305 -30.95 6.14 14.04
N ASP A 306 -30.00 5.23 13.82
CA ASP A 306 -30.28 3.83 14.11
C ASP A 306 -30.04 3.56 15.59
N ARG A 307 -30.69 2.50 16.08
CA ARG A 307 -30.54 2.07 17.46
C ARG A 307 -29.51 0.95 17.51
N GLY A 308 -28.41 1.19 18.23
CA GLY A 308 -27.39 0.18 18.40
C GLY A 308 -26.22 0.27 17.46
N GLN A 309 -26.12 1.32 16.66
CA GLN A 309 -24.99 1.47 15.75
C GLN A 309 -24.27 2.79 15.97
N LYS A 310 -24.80 3.88 15.40
CA LYS A 310 -24.13 5.18 15.49
C LYS A 310 -24.26 5.82 16.86
N GLY A 311 -25.26 5.44 17.65
CA GLY A 311 -25.34 5.87 19.02
C GLY A 311 -26.11 7.15 19.29
N VAL A 312 -27.02 7.55 18.40
CA VAL A 312 -27.89 8.68 18.70
C VAL A 312 -28.82 8.34 19.86
N ASP A 313 -28.97 7.05 20.11
CA ASP A 313 -29.78 6.61 21.26
C ASP A 313 -29.05 7.05 22.52
N VAL A 314 -27.77 6.67 22.61
CA VAL A 314 -26.98 7.00 23.79
C VAL A 314 -26.95 8.50 24.00
N LEU A 315 -26.99 9.26 22.90
CA LEU A 315 -26.90 10.75 23.02
C LEU A 315 -28.24 11.28 23.54
N LEU A 316 -29.35 10.75 23.03
CA LEU A 316 -30.66 11.27 23.44
C LEU A 316 -30.94 11.00 24.91
N LYS A 317 -30.40 9.91 25.45
CA LYS A 317 -30.57 9.60 26.88
C LYS A 317 -29.66 10.54 27.70
N ALA A 318 -28.43 10.74 27.23
CA ALA A 318 -27.52 11.66 27.90
C ALA A 318 -28.16 13.03 28.10
N ILE A 319 -28.51 13.71 27.00
CA ILE A 319 -28.99 15.09 27.06
C ILE A 319 -30.09 15.27 28.11
N GLU A 320 -30.92 14.25 28.29
CA GLU A 320 -32.03 14.37 29.24
C GLU A 320 -31.54 14.55 30.67
N ILE A 321 -30.45 13.86 31.04
CA ILE A 321 -29.99 13.99 32.42
C ILE A 321 -29.15 15.24 32.64
N LEU A 322 -28.60 15.85 31.59
CA LEU A 322 -27.98 17.16 31.77
C LEU A 322 -29.02 18.28 31.89
N SER A 323 -30.27 18.04 31.48
CA SER A 323 -31.24 19.12 31.42
C SER A 323 -31.61 19.65 32.80
N SER A 324 -31.65 18.79 33.81
CA SER A 324 -31.99 19.24 35.16
C SER A 324 -30.89 20.12 35.74
N LYS A 325 -29.64 19.89 35.36
CA LYS A 325 -28.52 20.62 35.92
C LYS A 325 -28.57 22.09 35.55
N LYS A 326 -27.99 22.93 36.41
CA LYS A 326 -27.92 24.36 36.13
C LYS A 326 -26.92 24.66 35.02
N GLU A 327 -25.85 23.86 34.92
CA GLU A 327 -24.80 24.07 33.94
C GLU A 327 -25.27 23.77 32.51
N PHE A 328 -26.48 23.24 32.35
CA PHE A 328 -27.00 22.95 31.01
C PHE A 328 -27.12 24.23 30.18
N GLN A 329 -27.49 25.34 30.81
CA GLN A 329 -27.69 26.58 30.08
C GLN A 329 -26.42 27.05 29.38
N GLU A 330 -25.26 26.73 29.94
CA GLU A 330 -24.01 27.02 29.24
C GLU A 330 -23.85 26.16 27.99
N MET A 331 -24.48 24.99 27.97
CA MET A 331 -24.34 24.05 26.87
C MET A 331 -25.31 24.35 25.74
N ARG A 332 -24.91 23.97 24.53
CA ARG A 332 -25.77 24.05 23.36
C ARG A 332 -25.40 22.88 22.46
N PHE A 333 -26.41 22.32 21.80
CA PHE A 333 -26.23 21.10 21.02
C PHE A 333 -26.85 21.27 19.64
N ILE A 334 -26.26 20.60 18.65
CA ILE A 334 -26.82 20.56 17.30
C ILE A 334 -26.75 19.12 16.81
N ILE A 335 -27.91 18.51 16.59
CA ILE A 335 -28.00 17.14 16.08
C ILE A 335 -28.35 17.20 14.60
N ILE A 336 -27.71 16.32 13.81
CA ILE A 336 -27.89 16.30 12.36
C ILE A 336 -27.99 14.86 11.89
N GLY A 337 -28.79 14.63 10.84
CA GLY A 337 -28.92 13.36 10.16
C GLY A 337 -30.36 12.97 9.98
N LYS A 338 -30.57 11.75 9.50
CA LYS A 338 -31.95 11.23 9.29
C LYS A 338 -31.94 9.77 9.71
N GLY A 339 -33.07 9.28 10.23
CA GLY A 339 -33.15 7.89 10.67
C GLY A 339 -34.46 7.38 11.22
N ASP A 340 -34.36 6.50 12.22
CA ASP A 340 -35.49 5.70 12.69
C ASP A 340 -36.62 6.58 13.20
N PRO A 341 -37.86 6.40 12.71
CA PRO A 341 -38.94 7.32 13.08
C PRO A 341 -39.29 7.33 14.56
N GLU A 342 -38.93 6.29 15.33
CA GLU A 342 -39.33 6.27 16.72
C GLU A 342 -38.55 7.28 17.55
N LEU A 343 -37.28 7.48 17.19
CA LEU A 343 -36.36 8.32 18.00
C LEU A 343 -36.04 9.66 17.32
N GLU A 344 -36.35 9.78 16.02
CA GLU A 344 -36.10 11.06 15.29
C GLU A 344 -37.03 12.11 15.89
N GLY A 345 -38.28 11.74 16.15
CA GLY A 345 -39.21 12.64 16.81
C GLY A 345 -38.83 12.89 18.26
N TRP A 346 -38.20 11.90 18.89
CA TRP A 346 -37.64 12.09 20.23
C TRP A 346 -36.71 13.31 20.25
N ALA A 347 -35.88 13.47 19.21
CA ALA A 347 -35.03 14.65 19.13
C ALA A 347 -35.84 15.90 18.85
N ARG A 348 -36.78 15.82 17.90
CA ARG A 348 -37.61 16.98 17.58
C ARG A 348 -38.59 17.31 18.69
N SER A 349 -38.97 16.33 19.51
CA SER A 349 -39.71 16.64 20.73
C SER A 349 -38.85 17.40 21.73
N LEU A 350 -37.53 17.35 21.57
CA LEU A 350 -36.60 18.05 22.44
C LEU A 350 -36.02 19.32 21.81
N GLU A 351 -36.24 19.55 20.51
CA GLU A 351 -35.81 20.80 19.90
C GLU A 351 -36.59 21.98 20.43
N GLU A 352 -37.90 21.80 20.62
CA GLU A 352 -38.74 22.84 21.17
C GLU A 352 -39.01 22.66 22.66
N LYS A 353 -38.61 21.54 23.28
CA LYS A 353 -38.88 21.43 24.70
C LYS A 353 -37.84 22.20 25.53
N HIS A 354 -36.56 22.16 25.13
CA HIS A 354 -35.55 22.97 25.82
C HIS A 354 -35.11 24.20 25.05
N GLY A 355 -35.05 24.13 23.71
CA GLY A 355 -34.98 25.32 22.89
C GLY A 355 -33.59 25.82 22.54
N ASN A 356 -32.54 25.17 23.05
CA ASN A 356 -31.18 25.56 22.72
C ASN A 356 -30.52 24.55 21.79
N VAL A 357 -31.30 23.71 21.12
CA VAL A 357 -30.78 22.64 20.29
C VAL A 357 -31.48 22.68 18.94
N LYS A 358 -30.69 22.60 17.87
CA LYS A 358 -31.23 22.43 16.51
C LYS A 358 -30.97 21.01 16.05
N VAL A 359 -32.02 20.21 15.99
CA VAL A 359 -31.94 18.91 15.35
C VAL A 359 -32.25 19.10 13.87
N ILE A 360 -31.46 18.46 13.01
CA ILE A 360 -31.55 18.65 11.57
C ILE A 360 -31.83 17.28 10.95
N THR A 361 -32.97 17.16 10.29
CA THR A 361 -33.35 15.90 9.68
C THR A 361 -32.90 15.78 8.22
N GLU A 362 -32.73 16.88 7.52
CA GLU A 362 -32.37 16.80 6.11
C GLU A 362 -30.86 16.91 5.93
N MET A 363 -30.40 16.40 4.78
CA MET A 363 -28.96 16.34 4.50
C MET A 363 -28.36 17.71 4.27
N LEU A 364 -27.04 17.77 4.30
CA LEU A 364 -26.27 18.99 4.12
C LEU A 364 -25.08 18.70 3.23
N SER A 365 -24.75 19.64 2.35
CA SER A 365 -23.64 19.43 1.43
C SER A 365 -22.34 19.33 2.19
N ARG A 366 -21.48 18.39 1.77
CA ARG A 366 -20.21 18.14 2.45
C ARG A 366 -19.32 19.37 2.49
N GLU A 367 -19.52 20.33 1.59
CA GLU A 367 -18.77 21.57 1.60
C GLU A 367 -19.43 22.65 2.45
N PHE A 368 -20.63 22.40 2.96
CA PHE A 368 -21.28 23.37 3.88
C PHE A 368 -20.86 23.07 5.31
N VAL A 369 -20.53 21.81 5.58
CA VAL A 369 -20.24 21.38 6.95
C VAL A 369 -18.78 21.60 7.34
N ARG A 370 -17.92 21.97 6.40
CA ARG A 370 -16.54 22.29 6.76
C ARG A 370 -16.49 23.46 7.74
N GLU A 371 -17.30 24.49 7.50
CA GLU A 371 -17.38 25.61 8.43
C GLU A 371 -18.06 25.20 9.73
N LEU A 372 -18.92 24.19 9.69
CA LEU A 372 -19.56 23.72 10.92
C LEU A 372 -18.55 23.06 11.85
N TYR A 373 -17.65 22.25 11.30
CA TYR A 373 -16.67 21.57 12.15
C TYR A 373 -15.70 22.56 12.77
N GLY A 374 -15.34 23.62 12.04
CA GLY A 374 -14.36 24.56 12.55
C GLY A 374 -14.90 25.44 13.66
N SER A 375 -16.13 25.94 13.50
CA SER A 375 -16.68 26.88 14.48
C SER A 375 -17.13 26.16 15.74
N VAL A 376 -17.71 24.98 15.60
CA VAL A 376 -18.28 24.26 16.74
C VAL A 376 -17.17 23.84 17.70
N ASP A 377 -17.44 23.90 19.00
CA ASP A 377 -16.39 23.62 20.01
C ASP A 377 -16.11 22.13 20.16
N PHE A 378 -17.14 21.29 20.04
CA PHE A 378 -16.96 19.88 20.34
C PHE A 378 -17.86 19.03 19.45
N VAL A 379 -17.40 17.83 19.12
CA VAL A 379 -18.17 16.83 18.39
C VAL A 379 -18.16 15.53 19.21
N ILE A 380 -19.34 14.91 19.33
CA ILE A 380 -19.51 13.68 20.09
C ILE A 380 -19.74 12.53 19.11
N ILE A 381 -18.95 11.48 19.23
CA ILE A 381 -19.10 10.26 18.42
C ILE A 381 -19.40 9.11 19.36
N PRO A 382 -20.67 8.89 19.73
CA PRO A 382 -21.03 7.80 20.66
C PRO A 382 -21.36 6.49 19.94
N SER A 383 -20.53 6.09 19.00
CA SER A 383 -20.81 4.94 18.17
C SER A 383 -20.51 3.64 18.90
N TYR A 384 -21.14 2.56 18.43
CA TYR A 384 -20.83 1.22 18.90
C TYR A 384 -19.80 0.52 18.00
N PHE A 385 -19.80 0.86 16.72
CA PHE A 385 -18.87 0.31 15.74
C PHE A 385 -18.32 1.46 14.90
N GLU A 386 -16.99 1.54 14.82
CA GLU A 386 -16.32 2.58 14.04
C GLU A 386 -14.92 2.12 13.68
N PRO A 387 -14.81 1.18 12.73
CA PRO A 387 -13.48 0.79 12.25
C PRO A 387 -12.74 1.93 11.59
N PHE A 388 -13.50 2.86 11.01
CA PHE A 388 -12.89 4.06 10.38
C PHE A 388 -13.55 5.30 10.98
N GLY A 389 -12.80 6.11 11.71
CA GLY A 389 -13.34 7.33 12.30
C GLY A 389 -13.31 8.48 11.32
N LEU A 390 -13.95 8.30 10.17
CA LEU A 390 -13.93 9.32 9.13
C LEU A 390 -14.57 10.62 9.60
N VAL A 391 -15.68 10.52 10.33
CA VAL A 391 -16.34 11.72 10.85
C VAL A 391 -15.46 12.43 11.86
N ALA A 392 -14.76 11.67 12.70
CA ALA A 392 -13.84 12.28 13.65
C ALA A 392 -12.68 12.96 12.93
N LEU A 393 -12.15 12.33 11.88
CA LEU A 393 -11.05 12.92 11.13
C LEU A 393 -11.44 14.29 10.57
N GLU A 394 -12.62 14.38 9.96
CA GLU A 394 -13.05 15.63 9.34
C GLU A 394 -13.24 16.73 10.38
N ALA A 395 -13.57 16.37 11.62
CA ALA A 395 -13.76 17.37 12.66
C ALA A 395 -12.44 17.91 13.18
N MET A 396 -11.52 16.98 13.47
CA MET A 396 -10.20 17.38 14.02
C MET A 396 -9.47 18.17 12.93
N CYS A 397 -9.79 17.88 11.66
CA CYS A 397 -9.14 18.58 10.52
C CYS A 397 -9.69 20.00 10.42
N LEU A 398 -10.78 20.30 11.10
CA LEU A 398 -11.24 21.70 11.14
C LEU A 398 -11.13 22.27 12.56
N GLY A 399 -10.49 21.54 13.48
CA GLY A 399 -10.26 22.07 14.84
C GLY A 399 -11.31 21.74 15.87
N ALA A 400 -12.40 21.07 15.51
CA ALA A 400 -13.36 20.66 16.55
C ALA A 400 -12.68 19.63 17.45
N ILE A 401 -12.82 19.78 18.77
CA ILE A 401 -12.23 18.80 19.73
C ILE A 401 -13.20 17.65 19.84
N PRO A 402 -12.75 16.39 19.68
CA PRO A 402 -13.68 15.28 19.67
C PRO A 402 -13.85 14.48 20.96
N ILE A 403 -15.09 14.38 21.43
CA ILE A 403 -15.37 13.46 22.58
C ILE A 403 -15.92 12.23 21.87
N ALA A 404 -15.34 11.06 22.09
CA ALA A 404 -15.80 9.91 21.29
C ALA A 404 -15.76 8.60 22.06
N SER A 405 -16.48 7.61 21.56
CA SER A 405 -16.47 6.26 22.19
C SER A 405 -15.12 5.59 21.96
N ALA A 406 -14.69 4.73 22.89
CA ALA A 406 -13.41 4.00 22.72
C ALA A 406 -13.66 2.76 21.87
N VAL A 407 -13.99 2.96 20.59
CA VAL A 407 -14.32 1.81 19.71
C VAL A 407 -13.54 1.89 18.38
N GLY A 408 -12.86 0.81 17.99
CA GLY A 408 -12.22 0.76 16.68
C GLY A 408 -11.26 1.90 16.43
N GLY A 409 -11.41 2.59 15.31
CA GLY A 409 -10.50 3.68 14.93
C GLY A 409 -10.50 4.80 15.94
N LEU A 410 -11.67 5.15 16.46
CA LEU A 410 -11.75 6.21 17.48
C LEU A 410 -10.66 6.00 18.53
N ARG A 411 -10.45 4.76 18.98
CA ARG A 411 -9.40 4.48 19.95
C ARG A 411 -8.02 4.63 19.33
N ASP A 412 -7.87 4.22 18.05
CA ASP A 412 -6.56 4.31 17.41
C ASP A 412 -6.22 5.75 17.04
N ILE A 413 -7.23 6.52 16.60
CA ILE A 413 -6.98 7.89 16.17
C ILE A 413 -6.83 8.83 17.36
N ILE A 414 -7.86 8.90 18.20
CA ILE A 414 -7.88 9.86 19.29
C ILE A 414 -7.15 9.28 20.49
N THR A 415 -6.17 10.02 21.00
CA THR A 415 -5.46 9.70 22.23
C THR A 415 -5.81 10.73 23.29
N ASN A 416 -5.11 10.66 24.43
CA ASN A 416 -5.39 11.57 25.53
C ASN A 416 -5.11 13.02 25.14
N GLU A 417 -4.03 13.24 24.38
CA GLU A 417 -3.62 14.60 24.03
C GLU A 417 -4.54 15.27 23.02
N THR A 418 -5.48 14.54 22.44
CA THR A 418 -6.36 15.10 21.40
C THR A 418 -7.82 15.17 21.80
N GLY A 419 -8.32 14.24 22.59
CA GLY A 419 -9.72 14.27 22.96
C GLY A 419 -10.00 13.41 24.18
N ILE A 420 -11.26 13.39 24.56
CA ILE A 420 -11.73 12.63 25.72
C ILE A 420 -12.46 11.38 25.23
N LEU A 421 -12.11 10.23 25.81
CA LEU A 421 -12.62 8.93 25.41
C LEU A 421 -13.55 8.38 26.48
N VAL A 422 -14.67 7.80 26.04
CA VAL A 422 -15.71 7.32 26.95
C VAL A 422 -16.20 5.97 26.46
N LYS A 423 -16.47 5.06 27.39
CA LYS A 423 -16.95 3.74 27.04
C LYS A 423 -18.32 3.81 26.39
N ALA A 424 -18.47 3.06 25.30
CA ALA A 424 -19.72 3.08 24.54
C ALA A 424 -20.84 2.41 25.31
N GLY A 425 -22.07 2.86 25.05
CA GLY A 425 -23.25 2.28 25.66
C GLY A 425 -23.62 2.84 27.01
N ASP A 426 -22.79 3.68 27.61
CA ASP A 426 -23.11 4.30 28.89
C ASP A 426 -23.39 5.78 28.68
N PRO A 427 -24.64 6.21 28.69
CA PRO A 427 -24.95 7.63 28.46
C PRO A 427 -24.60 8.50 29.65
N GLY A 428 -24.63 7.92 30.85
CA GLY A 428 -24.18 8.65 32.02
C GLY A 428 -22.71 9.00 31.95
N GLU A 429 -21.89 8.06 31.49
CA GLU A 429 -20.48 8.34 31.24
C GLU A 429 -20.32 9.41 30.17
N LEU A 430 -21.18 9.39 29.15
CA LEU A 430 -21.19 10.46 28.16
C LEU A 430 -21.60 11.78 28.80
N ALA A 431 -22.57 11.75 29.72
CA ALA A 431 -22.97 12.97 30.41
C ALA A 431 -21.80 13.55 31.20
N ASN A 432 -20.94 12.68 31.74
CA ASN A 432 -19.75 13.17 32.43
C ASN A 432 -18.72 13.72 31.45
N ALA A 433 -18.68 13.17 30.24
CA ALA A 433 -17.70 13.61 29.24
C ALA A 433 -17.89 15.07 28.88
N ILE A 434 -19.12 15.47 28.55
CA ILE A 434 -19.41 16.87 28.26
C ILE A 434 -19.43 17.73 29.50
N LEU A 435 -19.43 17.12 30.70
CA LEU A 435 -19.17 17.86 31.93
C LEU A 435 -17.68 18.04 32.14
N LYS A 436 -16.90 17.02 31.83
CA LYS A 436 -15.42 17.18 31.89
C LYS A 436 -15.06 18.15 30.77
N ALA A 437 -15.84 18.15 29.68
CA ALA A 437 -15.61 19.11 28.60
C ALA A 437 -16.11 20.50 28.94
N LEU A 438 -16.86 20.66 30.04
CA LEU A 438 -17.32 21.97 30.47
C LEU A 438 -16.29 22.64 31.39
N GLU A 439 -15.75 21.90 32.35
CA GLU A 439 -14.69 22.43 33.19
C GLU A 439 -13.39 22.61 32.43
N LEU A 440 -13.20 21.88 31.32
CA LEU A 440 -12.04 22.06 30.46
C LEU A 440 -12.26 23.14 29.41
N SER A 441 -13.51 23.47 29.08
CA SER A 441 -13.78 24.50 28.08
C SER A 441 -13.45 25.89 28.60
N ARG A 442 -13.64 26.11 29.91
CA ARG A 442 -13.41 27.47 30.48
C ARG A 442 -11.92 27.80 30.40
N SER A 443 -11.06 26.84 30.74
CA SER A 443 -9.62 27.04 30.61
C SER A 443 -9.22 26.99 29.14
N ASP A 444 -8.13 27.68 28.81
CA ASP A 444 -7.69 27.76 27.43
C ASP A 444 -7.40 26.39 26.86
N LEU A 445 -8.19 25.98 25.88
CA LEU A 445 -8.04 24.68 25.22
C LEU A 445 -7.58 24.80 23.77
N SER A 446 -7.09 25.97 23.37
CA SER A 446 -6.49 26.11 22.05
C SER A 446 -5.13 25.44 21.98
N LYS A 447 -4.43 25.36 23.12
CA LYS A 447 -3.23 24.54 23.21
C LYS A 447 -3.53 23.08 22.88
N PHE A 448 -4.79 22.66 23.05
CA PHE A 448 -5.16 21.27 22.70
C PHE A 448 -5.92 21.25 21.38
N ARG A 449 -6.53 22.38 20.99
CA ARG A 449 -7.36 22.41 19.76
C ARG A 449 -6.50 22.06 18.54
N GLU A 450 -5.21 22.37 18.61
CA GLU A 450 -4.34 22.12 17.47
C GLU A 450 -3.70 20.74 17.49
N ASN A 451 -3.70 20.06 18.64
CA ASN A 451 -3.30 18.65 18.64
C ASN A 451 -4.17 17.84 17.69
N CYS A 452 -5.46 18.19 17.60
CA CYS A 452 -6.34 17.59 16.61
C CYS A 452 -6.03 18.08 15.20
N LYS A 453 -5.46 19.27 15.08
CA LYS A 453 -5.18 19.83 13.76
C LYS A 453 -4.13 19.02 13.02
N LYS A 454 -3.12 18.53 13.73
CA LYS A 454 -2.02 17.81 13.11
C LYS A 454 -2.11 16.30 13.27
N ARG A 455 -2.74 15.81 14.35
CA ARG A 455 -2.98 14.38 14.46
C ARG A 455 -3.87 13.89 13.33
N ALA A 456 -4.89 14.66 12.97
CA ALA A 456 -5.79 14.27 11.90
C ALA A 456 -5.09 14.25 10.56
N MET A 457 -4.36 15.32 10.23
CA MET A 457 -3.72 15.42 8.92
C MET A 457 -2.53 14.48 8.80
N SER A 458 -1.99 13.99 9.91
CA SER A 458 -0.89 13.03 9.85
C SER A 458 -1.38 11.59 9.86
N PHE A 459 -2.41 11.29 10.66
CA PHE A 459 -3.00 9.96 10.63
C PHE A 459 -3.59 9.65 9.26
N SER A 460 -4.26 10.63 8.65
CA SER A 460 -4.86 10.42 7.34
C SER A 460 -3.80 10.12 6.29
N ASP A 461 -2.65 10.77 6.37
CA ASP A 461 -1.60 10.58 5.38
C ASP A 461 -0.80 9.30 5.59
N GLN A 462 -0.83 8.72 6.79
CA GLN A 462 -0.23 7.41 6.97
C GLN A 462 -1.17 6.30 6.50
N ALA A 463 -2.47 6.48 6.71
CA ALA A 463 -3.44 5.52 6.20
C ALA A 463 -3.53 5.58 4.69
N ARG A 464 -3.59 6.79 4.12
CA ARG A 464 -3.67 6.94 2.67
C ARG A 464 -2.37 6.46 2.01
N MET A 465 -1.23 6.72 2.63
CA MET A 465 0.04 6.21 2.11
C MET A 465 0.00 4.69 2.02
N ASP A 466 -0.16 4.02 3.17
CA ASP A 466 -0.11 2.56 3.23
C ASP A 466 -1.02 1.90 2.22
N ILE A 467 -2.16 2.53 1.90
CA ILE A 467 -3.01 2.01 0.84
C ILE A 467 -2.23 1.93 -0.47
N GLU A 468 -1.49 2.98 -0.80
CA GLU A 468 -0.81 3.04 -2.09
C GLU A 468 0.32 2.00 -2.19
N LEU A 469 1.17 1.91 -1.16
CA LEU A 469 2.21 0.88 -1.17
C LEU A 469 1.62 -0.51 -1.41
N ALA A 470 0.50 -0.82 -0.78
CA ALA A 470 -0.11 -2.13 -0.95
C ALA A 470 -0.61 -2.33 -2.38
N LYS A 471 -0.94 -1.24 -3.09
CA LYS A 471 -1.42 -1.38 -4.45
C LYS A 471 -0.28 -1.55 -5.45
N THR A 472 0.72 -0.66 -5.40
CA THR A 472 1.86 -0.80 -6.30
C THR A 472 2.54 -2.15 -6.12
N LEU A 473 2.55 -2.68 -4.89
CA LEU A 473 3.14 -3.99 -4.64
C LEU A 473 2.44 -5.07 -5.46
N VAL A 474 1.13 -5.22 -5.28
CA VAL A 474 0.41 -6.28 -5.96
C VAL A 474 0.44 -6.06 -7.48
N LEU A 475 0.45 -4.80 -7.93
CA LEU A 475 0.59 -4.53 -9.35
C LEU A 475 1.88 -5.13 -9.90
N ILE A 476 2.98 -4.94 -9.19
CA ILE A 476 4.25 -5.54 -9.60
C ILE A 476 4.17 -7.05 -9.52
N LEU A 477 3.41 -7.60 -8.57
CA LEU A 477 3.37 -9.05 -8.40
C LEU A 477 2.63 -9.72 -9.55
N VAL A 478 1.42 -9.23 -9.86
CA VAL A 478 0.59 -9.89 -10.87
C VAL A 478 1.26 -9.88 -12.24
N VAL A 479 1.94 -8.79 -12.59
CA VAL A 479 2.62 -8.74 -13.88
C VAL A 479 3.80 -9.71 -13.89
N LEU A 480 4.45 -9.90 -12.75
CA LEU A 480 5.51 -10.90 -12.67
C LEU A 480 4.94 -12.31 -12.79
N ILE A 481 3.76 -12.55 -12.22
CA ILE A 481 3.19 -13.90 -12.25
C ILE A 481 2.80 -14.29 -13.67
N ILE A 482 2.01 -13.44 -14.35
CA ILE A 482 1.53 -13.81 -15.68
C ILE A 482 2.63 -13.77 -16.72
N CYS A 483 3.78 -13.16 -16.39
CA CYS A 483 4.92 -13.21 -17.30
C CYS A 483 5.76 -14.46 -17.07
N TRP A 484 6.03 -14.77 -15.80
CA TRP A 484 6.91 -15.89 -15.45
C TRP A 484 6.17 -17.16 -15.07
N GLY A 485 4.89 -17.07 -14.72
CA GLY A 485 4.07 -18.23 -14.48
C GLY A 485 4.08 -19.23 -15.62
N PRO A 486 3.84 -18.77 -16.85
CA PRO A 486 3.99 -19.67 -18.01
C PRO A 486 5.38 -20.27 -18.12
N LEU A 487 6.43 -19.50 -17.81
CA LEU A 487 7.78 -20.01 -17.92
C LEU A 487 8.06 -21.04 -16.83
N LEU A 488 7.67 -20.74 -15.59
CA LEU A 488 7.84 -21.70 -14.50
C LEU A 488 6.96 -22.93 -14.70
N ALA A 489 5.96 -22.86 -15.58
CA ALA A 489 5.14 -24.03 -15.86
C ALA A 489 5.81 -24.94 -16.88
N ILE A 490 6.44 -24.38 -17.92
CA ILE A 490 7.10 -25.21 -18.92
C ILE A 490 8.31 -25.91 -18.35
N MET A 491 8.98 -25.30 -17.36
CA MET A 491 10.11 -25.97 -16.73
C MET A 491 9.66 -27.10 -15.82
N VAL A 492 8.58 -26.88 -15.07
CA VAL A 492 8.01 -27.96 -14.26
C VAL A 492 7.53 -29.09 -15.16
N TYR A 493 7.13 -28.74 -16.39
CA TYR A 493 6.74 -29.80 -17.37
C TYR A 493 8.03 -30.50 -17.83
N ASP A 494 9.18 -29.84 -17.64
CA ASP A 494 10.43 -30.49 -18.02
C ASP A 494 10.99 -31.35 -16.89
N VAL A 495 10.80 -30.90 -15.64
CA VAL A 495 11.36 -31.61 -14.51
C VAL A 495 10.91 -33.07 -14.52
N PHE A 496 9.60 -33.29 -14.70
CA PHE A 496 9.05 -34.62 -14.96
C PHE A 496 8.25 -34.54 -16.25
N GLY A 497 8.77 -35.16 -17.31
CA GLY A 497 8.19 -35.09 -18.64
C GLY A 497 9.27 -34.86 -19.66
N LYS A 498 8.86 -34.70 -20.92
CA LYS A 498 9.80 -34.57 -22.03
C LYS A 498 9.34 -33.50 -23.01
N MET A 499 10.29 -32.78 -23.57
CA MET A 499 9.91 -31.65 -24.44
C MET A 499 9.94 -32.05 -25.90
N ASN A 500 8.78 -32.15 -26.54
CA ASN A 500 8.74 -32.31 -27.98
C ASN A 500 9.30 -31.04 -28.64
N LYS A 501 9.53 -31.12 -29.95
CA LYS A 501 10.00 -29.96 -30.68
C LYS A 501 9.02 -28.79 -30.57
N LEU A 502 7.74 -29.08 -30.34
CA LEU A 502 6.75 -28.01 -30.24
C LEU A 502 6.88 -27.25 -28.93
N ILE A 503 6.90 -27.96 -27.79
CA ILE A 503 6.98 -27.28 -26.51
C ILE A 503 8.30 -26.53 -26.39
N LYS A 504 9.35 -27.01 -27.06
CA LYS A 504 10.59 -26.25 -27.13
C LYS A 504 10.38 -24.94 -27.91
N THR A 505 9.60 -24.99 -28.99
CA THR A 505 9.41 -23.80 -29.82
C THR A 505 8.55 -22.77 -29.10
N VAL A 506 7.43 -23.20 -28.52
CA VAL A 506 6.56 -22.24 -27.83
C VAL A 506 7.29 -21.65 -26.63
N PHE A 507 8.07 -22.46 -25.92
CA PHE A 507 8.88 -21.93 -24.82
C PHE A 507 9.91 -20.93 -25.33
N ALA A 508 10.43 -21.14 -26.54
CA ALA A 508 11.31 -20.16 -27.15
C ALA A 508 10.59 -18.84 -27.37
N PHE A 509 9.41 -18.90 -28.01
CA PHE A 509 8.61 -17.70 -28.20
C PHE A 509 8.08 -17.16 -26.88
N CYS A 510 7.75 -18.05 -25.94
CA CYS A 510 7.26 -17.60 -24.64
C CYS A 510 8.35 -16.93 -23.81
N SER A 511 9.62 -17.17 -24.12
CA SER A 511 10.71 -16.54 -23.39
C SER A 511 10.72 -15.02 -23.58
N MET A 512 10.03 -14.51 -24.59
CA MET A 512 9.93 -13.06 -24.77
C MET A 512 9.20 -12.38 -23.62
N LEU A 513 8.41 -13.14 -22.85
CA LEU A 513 7.65 -12.55 -21.75
C LEU A 513 8.57 -11.94 -20.70
N CYS A 514 9.77 -12.50 -20.55
CA CYS A 514 10.74 -11.99 -19.54
C CYS A 514 11.15 -10.58 -19.94
N LEU A 515 11.15 -10.28 -21.25
CA LEU A 515 11.47 -8.94 -21.70
C LEU A 515 10.27 -8.00 -21.63
N LEU A 516 9.05 -8.55 -21.68
CA LEU A 516 7.86 -7.74 -21.48
C LEU A 516 7.77 -7.29 -20.02
N ASN A 517 7.99 -8.21 -19.09
CA ASN A 517 7.95 -7.89 -17.67
C ASN A 517 8.94 -6.78 -17.33
N SER A 518 10.14 -6.84 -17.90
CA SER A 518 11.15 -5.83 -17.62
C SER A 518 10.75 -4.46 -18.17
N THR A 519 9.88 -4.43 -19.18
CA THR A 519 9.48 -3.18 -19.80
C THR A 519 8.29 -2.53 -19.11
N VAL A 520 7.41 -3.31 -18.50
CA VAL A 520 6.21 -2.75 -17.89
C VAL A 520 6.46 -2.30 -16.45
N ASP A 521 7.41 -2.91 -15.76
CA ASP A 521 7.75 -2.51 -14.40
C ASP A 521 8.08 -1.02 -14.27
N PRO A 522 8.92 -0.42 -15.12
CA PRO A 522 9.14 1.04 -14.99
C PRO A 522 7.88 1.85 -15.22
N ILE A 523 6.94 1.35 -16.01
CA ILE A 523 5.68 2.05 -16.20
C ILE A 523 4.88 2.05 -14.90
N ILE A 524 4.96 0.97 -14.12
CA ILE A 524 4.30 0.94 -12.82
C ILE A 524 4.87 2.02 -11.92
N TYR A 525 6.21 2.10 -11.82
CA TYR A 525 6.81 3.14 -10.99
C TYR A 525 6.43 4.53 -11.48
N ALA A 526 6.38 4.71 -12.80
CA ALA A 526 6.08 6.04 -13.36
C ALA A 526 4.67 6.49 -12.98
N LEU A 527 3.70 5.57 -13.02
CA LEU A 527 2.33 5.93 -12.69
C LEU A 527 2.08 5.95 -11.19
N ARG A 528 2.66 4.99 -10.45
CA ARG A 528 2.30 4.76 -9.06
C ARG A 528 3.18 5.51 -8.06
N SER A 529 4.04 6.41 -8.52
CA SER A 529 4.95 7.12 -7.62
C SER A 529 4.98 8.60 -8.01
N LYS A 530 4.23 9.42 -7.27
CA LYS A 530 4.31 10.87 -7.43
C LYS A 530 5.71 11.39 -7.15
N ASP A 531 6.51 10.67 -6.37
CA ASP A 531 7.86 11.12 -6.04
C ASP A 531 8.80 10.97 -7.24
N LEU A 532 8.76 9.80 -7.90
CA LEU A 532 9.53 9.65 -9.14
C LEU A 532 9.18 10.74 -10.14
N ARG A 533 7.88 11.03 -10.27
CA ARG A 533 7.43 11.98 -11.28
C ARG A 533 8.02 13.36 -11.03
N HIS A 534 7.89 13.87 -9.81
CA HIS A 534 8.41 15.20 -9.50
C HIS A 534 9.93 15.26 -9.62
N ALA A 535 10.62 14.16 -9.31
CA ALA A 535 12.07 14.15 -9.45
C ALA A 535 12.47 14.20 -10.93
N PHE A 536 11.89 13.32 -11.74
CA PHE A 536 12.17 13.36 -13.18
C PHE A 536 11.71 14.67 -13.79
N ARG A 537 10.56 15.19 -13.36
CA ARG A 537 10.03 16.41 -13.95
C ARG A 537 10.98 17.59 -13.70
N SER A 538 11.57 17.65 -12.52
CA SER A 538 12.49 18.75 -12.22
C SER A 538 13.82 18.59 -12.94
N MET A 539 14.22 17.36 -13.25
CA MET A 539 15.47 17.15 -13.98
C MET A 539 15.33 17.53 -15.45
N PHE A 540 14.14 17.33 -16.03
CA PHE A 540 13.89 17.61 -17.44
C PHE A 540 12.74 18.61 -17.55
N PRO A 541 13.03 19.92 -17.49
CA PRO A 541 12.00 20.96 -17.64
C PRO A 541 11.42 20.96 -19.05
#